data_3FFD
#
_entry.id   3FFD
#
_cell.length_a   72.613
_cell.length_b   96.285
_cell.length_c   88.544
_cell.angle_alpha   90.00
_cell.angle_beta   90.00
_cell.angle_gamma   90.00
#
_symmetry.space_group_name_H-M   'P 21 21 2'
#
loop_
_entity.id
_entity.type
_entity.pdbx_description
1 polymer 'Monoclonal antibody, heavy chain, Fab fragment'
2 polymer 'Monoclonal antibody, light chain, Fab fragment'
3 polymer 'Parathyroid hormone-related protein'
4 water water
#
loop_
_entity_poly.entity_id
_entity_poly.type
_entity_poly.pdbx_seq_one_letter_code
_entity_poly.pdbx_strand_id
1 'polypeptide(L)'
;EVQLVESGGDLVKPGGSLKLSCAASGFTFSSYGMSWIRQTPDKRLEWVATISSGGSYTYYPDSVKGRFTISRDNAKNTLY
LQMSSLKSEDTAMFYCARQTTMTYFAYWGQGTLVTVSAAKTTPPSVYPLAPGSAAQTNSMVTLGCLVKGYFPEPVTVTWN
SGSLSSGVHTFPAVLQSDLYTLSSSVTVPSSPRPSETVTCNVAHPASSTKVDKKIEPA
;
A
2 'polypeptide(L)'
;QLVLTQSSSASFSLGASAKLTCTLSSQHSTYTIEWYQQQPLKPPKYVMDLKQDGSHSTGDGIPDRFSGSSSGADRYLSIS
NIQPEDEAMYICGVGDTIKEQFVYVFGGGTKVTVLGEPKSTPTLTVFPPSSEELKENKATLVCLISNFSPSGVTVAWKAN
GTPITQGVDTSNPTKEGNKFMASSFLHLTSDQWRSHNSFTCQVTHEGDTVEKSLSPAECL
;
B
3 'polypeptide(L)'
;AVSEHQLLHDKGKSIQDLRRRFFLHHLIAEIHTAEIRATSEVSPNSKPSPNTKNHPVRFGSDDEGRYLTQETNKVETYKE
QPLKTPGKKKKGKPGKRKEQEKKKRRTR
;
P
#
# COMPACT_ATOMS: atom_id res chain seq x y z
N GLU A 1 16.45 15.56 -5.37
CA GLU A 1 15.25 14.95 -4.75
C GLU A 1 14.46 14.35 -5.93
N VAL A 2 14.78 13.10 -6.29
CA VAL A 2 14.12 12.43 -7.40
C VAL A 2 12.67 12.24 -7.00
N GLN A 3 11.74 12.56 -7.89
CA GLN A 3 10.32 12.34 -7.60
C GLN A 3 9.57 11.84 -8.86
N LEU A 4 8.65 10.89 -8.67
CA LEU A 4 7.83 10.30 -9.76
C LEU A 4 6.42 10.31 -9.19
N VAL A 5 5.48 10.85 -9.93
CA VAL A 5 4.10 10.93 -9.48
C VAL A 5 3.21 10.36 -10.60
N GLU A 6 2.63 9.21 -10.33
CA GLU A 6 1.78 8.56 -11.33
C GLU A 6 0.36 9.06 -11.18
N SER A 7 -0.36 9.13 -12.30
CA SER A 7 -1.76 9.52 -12.20
C SER A 7 -2.50 8.77 -13.29
N GLY A 8 -3.83 8.85 -13.26
CA GLY A 8 -4.63 8.21 -14.30
C GLY A 8 -5.31 6.91 -13.93
N GLY A 9 -4.94 6.31 -12.81
CA GLY A 9 -5.61 5.10 -12.39
C GLY A 9 -7.11 5.31 -12.26
N ASP A 10 -7.93 4.28 -12.54
CA ASP A 10 -9.39 4.45 -12.45
C ASP A 10 -10.11 3.12 -12.69
N LEU A 11 -11.42 3.14 -12.52
CA LEU A 11 -12.23 1.96 -12.76
C LEU A 11 -12.42 1.90 -14.26
N VAL A 12 -12.27 0.71 -14.82
CA VAL A 12 -12.43 0.48 -16.26
C VAL A 12 -13.16 -0.84 -16.44
N LYS A 13 -14.03 -0.91 -17.44
CA LYS A 13 -14.72 -2.15 -17.72
C LYS A 13 -13.80 -3.09 -18.52
N PRO A 14 -13.99 -4.40 -18.34
CA PRO A 14 -13.22 -5.42 -19.03
C PRO A 14 -13.33 -5.11 -20.54
N GLY A 15 -12.25 -5.37 -21.28
CA GLY A 15 -12.20 -5.05 -22.69
C GLY A 15 -11.86 -3.55 -22.90
N GLY A 16 -11.92 -2.75 -21.84
CA GLY A 16 -11.63 -1.31 -22.00
C GLY A 16 -10.18 -0.87 -22.15
N SER A 17 -10.00 0.45 -22.18
CA SER A 17 -8.69 1.09 -22.34
C SER A 17 -8.50 2.15 -21.26
N LEU A 18 -7.24 2.50 -20.99
CA LEU A 18 -6.91 3.51 -19.97
C LEU A 18 -5.47 3.91 -20.21
N LYS A 19 -5.19 5.20 -20.04
CA LYS A 19 -3.83 5.72 -20.22
C LYS A 19 -3.32 6.26 -18.86
N LEU A 20 -2.16 5.80 -18.43
CA LEU A 20 -1.59 6.26 -17.15
C LEU A 20 -0.46 7.26 -17.47
N SER A 21 -0.15 8.17 -16.55
CA SER A 21 0.94 9.12 -16.78
C SER A 21 1.83 9.10 -15.58
N CYS A 22 3.09 9.45 -15.75
CA CYS A 22 3.99 9.51 -14.62
C CYS A 22 4.77 10.80 -14.79
N ALA A 23 4.62 11.74 -13.85
CA ALA A 23 5.31 13.05 -13.92
C ALA A 23 6.60 12.94 -13.11
N ALA A 24 7.72 13.29 -13.73
CA ALA A 24 9.02 13.15 -13.09
C ALA A 24 9.75 14.49 -12.82
N SER A 25 10.52 14.57 -11.74
CA SER A 25 11.30 15.78 -11.45
C SER A 25 12.47 15.40 -10.56
N GLY A 26 13.46 16.29 -10.45
CA GLY A 26 14.62 16.04 -9.60
C GLY A 26 15.75 15.30 -10.26
N PHE A 27 15.66 15.11 -11.58
CA PHE A 27 16.73 14.45 -12.29
C PHE A 27 16.59 14.77 -13.75
N THR A 28 17.58 14.37 -14.54
CA THR A 28 17.56 14.64 -15.97
C THR A 28 16.81 13.52 -16.71
N PHE A 29 15.50 13.70 -16.75
CA PHE A 29 14.57 12.75 -17.33
C PHE A 29 15.00 12.09 -18.61
N SER A 30 15.39 12.88 -19.60
CA SER A 30 15.79 12.36 -20.90
C SER A 30 17.05 11.53 -20.92
N SER A 31 17.74 11.39 -19.78
CA SER A 31 18.94 10.55 -19.79
C SER A 31 18.70 9.09 -19.29
N TYR A 32 17.48 8.79 -18.88
CA TYR A 32 17.25 7.47 -18.31
C TYR A 32 16.16 6.60 -18.89
N GLY A 33 16.41 5.29 -18.86
CA GLY A 33 15.34 4.36 -19.21
C GLY A 33 14.32 4.45 -18.07
N MET A 34 13.05 4.29 -18.40
CA MET A 34 11.97 4.40 -17.39
C MET A 34 11.14 3.11 -17.54
N SER A 35 10.43 2.71 -16.49
CA SER A 35 9.65 1.45 -16.59
C SER A 35 8.34 1.54 -15.79
N TRP A 36 7.48 0.56 -16.00
CA TRP A 36 6.22 0.42 -15.24
C TRP A 36 6.29 -0.98 -14.65
N ILE A 37 5.92 -1.09 -13.37
CA ILE A 37 5.90 -2.33 -12.62
C ILE A 37 4.50 -2.34 -11.96
N ARG A 38 3.78 -3.46 -11.94
CA ARG A 38 2.47 -3.40 -11.29
C ARG A 38 2.41 -4.34 -10.12
N GLN A 39 1.55 -4.06 -9.15
CA GLN A 39 1.44 -4.96 -8.02
C GLN A 39 -0.03 -5.40 -7.89
N THR A 40 -0.32 -6.69 -8.04
CA THR A 40 -1.72 -7.18 -7.97
C THR A 40 -2.25 -7.36 -6.54
N PRO A 41 -3.57 -7.65 -6.36
CA PRO A 41 -4.08 -7.80 -4.98
C PRO A 41 -3.39 -8.88 -4.13
N ASP A 42 -2.80 -9.89 -4.75
CA ASP A 42 -2.08 -10.88 -3.97
C ASP A 42 -0.69 -10.32 -3.54
N LYS A 43 -0.40 -9.06 -3.90
CA LYS A 43 0.88 -8.40 -3.54
C LYS A 43 2.10 -8.76 -4.36
N ARG A 44 1.91 -9.63 -5.34
CA ARG A 44 2.99 -10.01 -6.21
C ARG A 44 3.35 -8.87 -7.17
N LEU A 45 4.65 -8.70 -7.44
CA LEU A 45 5.11 -7.64 -8.35
C LEU A 45 5.35 -8.20 -9.75
N GLU A 46 4.94 -7.45 -10.76
CA GLU A 46 5.18 -7.87 -12.10
C GLU A 46 5.67 -6.71 -12.96
N TRP A 47 6.82 -6.89 -13.57
CA TRP A 47 7.37 -5.85 -14.50
C TRP A 47 6.43 -5.83 -15.76
N VAL A 48 6.04 -4.62 -16.20
CA VAL A 48 5.09 -4.33 -17.27
C VAL A 48 5.65 -3.75 -18.57
N ALA A 49 6.63 -2.83 -18.45
CA ALA A 49 7.13 -2.22 -19.68
C ALA A 49 8.38 -1.38 -19.35
N THR A 50 9.28 -1.28 -20.31
CA THR A 50 10.51 -0.48 -20.13
C THR A 50 10.73 0.26 -21.46
N ILE A 51 11.22 1.51 -21.39
CA ILE A 51 11.48 2.29 -22.59
C ILE A 51 12.88 2.94 -22.41
N SER A 52 13.67 2.96 -23.47
CA SER A 52 15.00 3.60 -23.39
C SER A 52 14.83 5.13 -23.24
N SER A 53 15.94 5.83 -22.93
CA SER A 53 15.90 7.27 -22.67
C SER A 53 15.31 8.13 -23.78
N GLY A 54 15.64 7.84 -25.03
CA GLY A 54 15.09 8.61 -26.14
C GLY A 54 13.78 8.02 -26.70
N GLY A 55 13.30 6.92 -26.14
CA GLY A 55 12.04 6.37 -26.63
C GLY A 55 12.20 5.49 -27.85
N SER A 56 13.43 5.31 -28.34
CA SER A 56 13.65 4.46 -29.50
C SER A 56 13.39 2.96 -29.27
N TYR A 57 13.57 2.48 -28.05
CA TYR A 57 13.40 1.06 -27.77
C TYR A 57 12.43 0.81 -26.63
N THR A 58 11.55 -0.18 -26.83
CA THR A 58 10.55 -0.51 -25.83
C THR A 58 10.60 -2.03 -25.59
N TYR A 59 10.28 -2.45 -24.38
CA TYR A 59 10.35 -3.87 -24.02
C TYR A 59 9.13 -4.21 -23.23
N TYR A 60 8.58 -5.40 -23.47
CA TYR A 60 7.37 -5.81 -22.76
C TYR A 60 7.34 -7.30 -22.48
N PRO A 61 6.67 -7.70 -21.42
CA PRO A 61 6.67 -9.13 -21.20
C PRO A 61 5.45 -9.67 -22.00
N ASP A 62 5.37 -10.98 -22.21
CA ASP A 62 4.25 -11.58 -22.94
C ASP A 62 2.89 -11.21 -22.37
N SER A 63 2.78 -11.12 -21.04
CA SER A 63 1.50 -10.82 -20.42
C SER A 63 0.78 -9.59 -20.91
N VAL A 64 1.50 -8.60 -21.46
CA VAL A 64 0.88 -7.39 -21.93
C VAL A 64 1.31 -6.98 -23.35
N LYS A 65 2.31 -7.64 -23.92
CA LYS A 65 2.75 -7.25 -25.23
C LYS A 65 1.61 -7.24 -26.26
N GLY A 66 1.51 -6.16 -27.06
CA GLY A 66 0.43 -6.08 -28.06
C GLY A 66 -0.78 -5.31 -27.55
N ARG A 67 -0.94 -5.29 -26.23
CA ARG A 67 -2.04 -4.60 -25.54
C ARG A 67 -1.65 -3.27 -24.88
N PHE A 68 -0.42 -3.20 -24.36
CA PHE A 68 0.10 -2.04 -23.61
C PHE A 68 1.19 -1.38 -24.40
N THR A 69 1.21 -0.03 -24.41
CA THR A 69 2.25 0.72 -25.12
C THR A 69 2.88 1.75 -24.17
N ILE A 70 4.18 1.64 -23.95
CA ILE A 70 4.86 2.61 -23.08
C ILE A 70 5.44 3.67 -24.01
N SER A 71 5.35 4.93 -23.57
CA SER A 71 5.87 6.03 -24.37
C SER A 71 6.25 7.15 -23.42
N ARG A 72 6.88 8.18 -23.97
CA ARG A 72 7.35 9.29 -23.15
C ARG A 72 7.47 10.57 -23.95
N ASP A 73 7.42 11.67 -23.22
CA ASP A 73 7.55 12.99 -23.87
C ASP A 73 8.69 13.66 -23.10
N ASN A 74 9.89 13.56 -23.64
CA ASN A 74 11.01 14.15 -22.94
C ASN A 74 10.87 15.66 -22.71
N ALA A 75 10.15 16.36 -23.61
CA ALA A 75 9.97 17.81 -23.45
C ALA A 75 9.10 18.13 -22.21
N LYS A 76 8.29 17.15 -21.78
CA LYS A 76 7.43 17.34 -20.63
C LYS A 76 7.76 16.50 -19.40
N ASN A 77 8.93 15.85 -19.39
CA ASN A 77 9.36 14.98 -18.28
C ASN A 77 8.18 14.08 -17.86
N THR A 78 7.53 13.48 -18.84
CA THR A 78 6.40 12.65 -18.50
C THR A 78 6.56 11.31 -19.19
N LEU A 79 6.16 10.27 -18.47
CA LEU A 79 6.20 8.89 -18.97
C LEU A 79 4.71 8.47 -19.09
N TYR A 80 4.37 7.64 -20.09
CA TYR A 80 2.97 7.21 -20.27
C TYR A 80 2.83 5.68 -20.43
N LEU A 81 1.68 5.14 -20.07
CA LEU A 81 1.44 3.68 -20.31
C LEU A 81 0.00 3.65 -20.84
N GLN A 82 -0.14 3.42 -22.14
CA GLN A 82 -1.49 3.33 -22.72
C GLN A 82 -1.87 1.84 -22.60
N MET A 83 -3.02 1.53 -21.99
CA MET A 83 -3.43 0.13 -21.85
C MET A 83 -4.70 -0.18 -22.66
N SER A 84 -4.84 -1.41 -23.17
CA SER A 84 -6.05 -1.73 -23.97
C SER A 84 -6.41 -3.22 -23.78
N SER A 85 -7.60 -3.60 -24.24
CA SER A 85 -8.07 -4.96 -24.03
C SER A 85 -7.83 -5.37 -22.60
N LEU A 86 -8.22 -4.55 -21.64
CA LEU A 86 -8.00 -4.88 -20.24
C LEU A 86 -8.90 -6.02 -19.74
N LYS A 87 -8.37 -6.81 -18.82
CA LYS A 87 -9.04 -7.94 -18.22
C LYS A 87 -9.07 -7.72 -16.72
N SER A 88 -9.97 -8.42 -16.02
CA SER A 88 -10.01 -8.26 -14.58
C SER A 88 -8.68 -8.64 -13.90
N GLU A 89 -7.93 -9.59 -14.44
CA GLU A 89 -6.65 -9.98 -13.83
C GLU A 89 -5.60 -8.81 -13.90
N ASP A 90 -5.86 -7.78 -14.73
CA ASP A 90 -4.95 -6.65 -14.85
C ASP A 90 -5.09 -5.70 -13.66
N THR A 91 -6.15 -5.85 -12.86
CA THR A 91 -6.27 -4.89 -11.74
C THR A 91 -5.07 -4.90 -10.82
N ALA A 92 -4.55 -3.71 -10.54
CA ALA A 92 -3.32 -3.66 -9.76
C ALA A 92 -2.92 -2.22 -9.55
N MET A 93 -1.93 -2.06 -8.67
CA MET A 93 -1.32 -0.75 -8.39
C MET A 93 -0.16 -0.67 -9.38
N PHE A 94 -0.16 0.38 -10.20
CA PHE A 94 0.87 0.58 -11.21
C PHE A 94 1.87 1.65 -10.72
N TYR A 95 3.16 1.33 -10.82
CA TYR A 95 4.24 2.21 -10.43
C TYR A 95 5.13 2.44 -11.58
N CYS A 96 5.66 3.65 -11.59
CA CYS A 96 6.61 4.15 -12.56
C CYS A 96 8.00 4.00 -11.88
N ALA A 97 9.06 3.64 -12.61
CA ALA A 97 10.38 3.51 -11.97
C ALA A 97 11.50 3.96 -12.88
N ARG A 98 12.54 4.54 -12.29
CA ARG A 98 13.64 5.05 -13.08
C ARG A 98 14.92 4.26 -12.82
N GLN A 99 15.67 3.98 -13.87
CA GLN A 99 16.91 3.24 -13.70
C GLN A 99 18.02 4.16 -13.16
N THR A 100 19.14 3.51 -12.88
CA THR A 100 20.39 4.12 -12.45
C THR A 100 21.29 3.46 -13.50
N THR A 101 22.56 3.89 -13.58
CA THR A 101 23.46 3.29 -14.54
C THR A 101 23.73 1.85 -14.07
N MET A 102 23.48 1.55 -12.80
CA MET A 102 23.77 0.21 -12.28
C MET A 102 22.57 -0.71 -11.98
N THR A 103 21.35 -0.21 -12.12
CA THR A 103 20.21 -1.05 -11.81
C THR A 103 18.99 -0.54 -12.51
N TYR A 104 18.01 -1.44 -12.63
CA TYR A 104 16.80 -1.14 -13.39
C TYR A 104 15.71 -0.24 -12.83
N PHE A 105 15.36 -0.48 -11.57
CA PHE A 105 14.29 0.16 -10.88
C PHE A 105 14.78 0.75 -9.58
N ALA A 106 15.59 1.82 -9.66
CA ALA A 106 16.21 2.41 -8.46
C ALA A 106 15.34 3.37 -7.67
N TYR A 107 14.42 4.07 -8.34
CA TYR A 107 13.51 5.01 -7.67
C TYR A 107 12.12 4.71 -8.20
N TRP A 108 11.16 4.63 -7.30
CA TRP A 108 9.73 4.30 -7.61
C TRP A 108 8.76 5.42 -7.21
N GLY A 109 7.65 5.57 -7.93
CA GLY A 109 6.66 6.55 -7.58
C GLY A 109 5.74 6.08 -6.46
N GLN A 110 4.60 6.73 -6.27
CA GLN A 110 3.67 6.33 -5.20
C GLN A 110 2.65 5.31 -5.72
N GLY A 111 2.48 5.27 -7.03
CA GLY A 111 1.56 4.31 -7.62
C GLY A 111 0.19 4.89 -7.91
N THR A 112 -0.48 4.32 -8.90
CA THR A 112 -1.84 4.74 -9.25
C THR A 112 -2.66 3.43 -9.40
N LEU A 113 -3.80 3.33 -8.74
CA LEU A 113 -4.62 2.09 -8.79
C LEU A 113 -5.51 1.92 -10.01
N VAL A 114 -5.29 0.82 -10.74
CA VAL A 114 -6.14 0.53 -11.90
C VAL A 114 -7.09 -0.61 -11.49
N THR A 115 -8.40 -0.38 -11.56
CA THR A 115 -9.36 -1.46 -11.18
C THR A 115 -10.14 -1.83 -12.44
N VAL A 116 -10.05 -3.08 -12.89
CA VAL A 116 -10.81 -3.53 -14.08
C VAL A 116 -11.96 -4.40 -13.59
N SER A 117 -13.18 -3.91 -13.76
CA SER A 117 -14.34 -4.61 -13.27
C SER A 117 -15.63 -4.12 -13.91
N ALA A 118 -16.64 -4.99 -13.88
CA ALA A 118 -17.96 -4.71 -14.45
C ALA A 118 -18.77 -3.82 -13.51
N ALA A 119 -18.49 -3.90 -12.21
CA ALA A 119 -19.20 -3.06 -11.24
C ALA A 119 -19.03 -1.60 -11.62
N LYS A 120 -20.04 -0.79 -11.32
CA LYS A 120 -20.00 0.65 -11.62
C LYS A 120 -19.44 1.34 -10.39
N THR A 121 -19.08 2.60 -10.53
CA THR A 121 -18.52 3.31 -9.39
C THR A 121 -19.63 3.82 -8.49
N THR A 122 -19.41 3.72 -7.18
CA THR A 122 -20.35 4.22 -6.18
C THR A 122 -19.63 5.24 -5.31
N PRO A 123 -20.15 6.47 -5.24
CA PRO A 123 -19.51 7.47 -4.40
C PRO A 123 -19.83 7.11 -2.94
N PRO A 124 -19.03 7.64 -2.01
CA PRO A 124 -19.24 7.35 -0.61
C PRO A 124 -20.25 8.29 0.03
N SER A 125 -20.87 7.82 1.12
CA SER A 125 -21.81 8.62 1.94
C SER A 125 -20.88 9.00 3.11
N VAL A 126 -20.64 10.29 3.29
CA VAL A 126 -19.75 10.79 4.32
C VAL A 126 -20.53 11.31 5.54
N TYR A 127 -20.27 10.75 6.72
CA TYR A 127 -20.93 11.20 7.96
C TYR A 127 -19.95 11.74 8.99
N PRO A 128 -20.28 12.85 9.68
CA PRO A 128 -19.32 13.34 10.69
C PRO A 128 -19.46 12.46 11.94
N LEU A 129 -18.42 12.42 12.76
CA LEU A 129 -18.46 11.63 14.00
C LEU A 129 -17.95 12.51 15.12
N ALA A 130 -18.82 12.74 16.11
CA ALA A 130 -18.48 13.57 17.25
C ALA A 130 -18.48 12.76 18.51
N PRO A 131 -17.60 13.13 19.46
CA PRO A 131 -17.47 12.45 20.76
C PRO A 131 -18.83 12.10 21.34
N MET A 140 -7.41 17.96 24.60
CA MET A 140 -7.40 17.00 23.50
C MET A 140 -8.77 16.33 23.25
N VAL A 141 -9.31 16.48 22.04
CA VAL A 141 -10.58 15.84 21.66
C VAL A 141 -10.39 15.15 20.31
N THR A 142 -11.01 13.97 20.16
CA THR A 142 -10.91 13.19 18.93
C THR A 142 -12.19 13.12 18.12
N LEU A 143 -12.12 13.70 16.93
CA LEU A 143 -13.25 13.74 16.01
C LEU A 143 -13.01 12.75 14.87
N GLY A 144 -14.09 12.27 14.27
CA GLY A 144 -13.99 11.31 13.20
C GLY A 144 -14.69 11.75 11.93
N CYS A 145 -14.80 10.81 11.00
CA CYS A 145 -15.41 11.06 9.71
C CYS A 145 -15.55 9.70 9.09
N LEU A 146 -16.77 9.19 9.04
CA LEU A 146 -17.08 7.88 8.46
C LEU A 146 -17.29 8.02 6.93
N VAL A 147 -16.55 7.25 6.14
CA VAL A 147 -16.64 7.24 4.66
C VAL A 147 -17.19 5.87 4.27
N LYS A 148 -18.50 5.83 4.07
CA LYS A 148 -19.23 4.60 3.83
C LYS A 148 -19.76 4.21 2.46
N GLY A 149 -19.57 2.94 2.13
CA GLY A 149 -20.05 2.37 0.89
C GLY A 149 -19.61 2.84 -0.49
N TYR A 150 -18.28 3.03 -0.70
CA TYR A 150 -17.78 3.49 -1.99
C TYR A 150 -17.09 2.39 -2.83
N PHE A 151 -16.75 2.76 -4.05
CA PHE A 151 -16.10 1.84 -4.97
C PHE A 151 -15.71 2.58 -6.24
N PRO A 152 -14.48 2.33 -6.74
CA PRO A 152 -13.53 1.41 -6.11
C PRO A 152 -12.67 2.28 -5.21
N GLU A 153 -11.54 1.75 -4.75
CA GLU A 153 -10.60 2.57 -3.98
C GLU A 153 -9.94 3.46 -5.03
N PRO A 154 -9.26 4.53 -4.61
CA PRO A 154 -9.14 4.89 -3.20
C PRO A 154 -9.99 6.11 -2.93
N VAL A 155 -9.92 6.60 -1.70
CA VAL A 155 -10.52 7.88 -1.33
C VAL A 155 -9.41 8.60 -0.59
N THR A 156 -9.42 9.92 -0.59
CA THR A 156 -8.43 10.62 0.22
C THR A 156 -9.22 11.43 1.26
N VAL A 157 -8.71 11.49 2.48
CA VAL A 157 -9.35 12.23 3.56
C VAL A 157 -8.37 13.21 4.21
N THR A 158 -8.66 14.51 4.16
CA THR A 158 -7.82 15.51 4.83
C THR A 158 -8.70 16.24 5.84
N TRP A 159 -8.12 17.11 6.64
CA TRP A 159 -8.89 17.84 7.65
C TRP A 159 -8.63 19.33 7.59
N ASN A 160 -9.70 20.11 7.51
CA ASN A 160 -9.58 21.55 7.41
C ASN A 160 -8.68 21.87 6.23
N SER A 161 -8.92 21.16 5.13
CA SER A 161 -8.15 21.34 3.91
C SER A 161 -6.65 21.11 4.05
N GLY A 162 -6.27 20.23 4.98
CA GLY A 162 -4.86 19.93 5.18
C GLY A 162 -4.21 20.74 6.29
N SER A 163 -4.92 21.70 6.88
CA SER A 163 -4.38 22.51 7.97
C SER A 163 -4.10 21.63 9.18
N LEU A 164 -5.01 20.70 9.48
CA LEU A 164 -4.81 19.79 10.59
C LEU A 164 -3.90 18.68 10.10
N SER A 165 -2.61 18.86 10.34
CA SER A 165 -1.56 17.93 9.95
C SER A 165 -1.56 16.72 10.90
N SER A 166 -0.63 16.69 11.84
CA SER A 166 -0.57 15.60 12.80
C SER A 166 -1.84 15.49 13.62
N GLY A 167 -2.05 14.33 14.22
CA GLY A 167 -3.25 14.09 15.00
C GLY A 167 -4.19 13.31 14.09
N VAL A 168 -3.94 13.41 12.79
CA VAL A 168 -4.75 12.75 11.77
C VAL A 168 -4.36 11.32 11.46
N HIS A 169 -5.33 10.41 11.51
CA HIS A 169 -5.12 9.00 11.22
C HIS A 169 -6.29 8.43 10.41
N THR A 170 -6.06 8.06 9.16
CA THR A 170 -7.11 7.46 8.33
C THR A 170 -6.92 5.94 8.42
N PHE A 171 -7.95 5.21 8.81
CA PHE A 171 -7.84 3.75 8.93
C PHE A 171 -8.04 3.03 7.60
N PRO A 172 -7.56 1.78 7.52
CA PRO A 172 -7.70 1.00 6.28
C PRO A 172 -9.16 0.61 6.08
N ALA A 173 -9.60 0.64 4.84
CA ALA A 173 -10.97 0.34 4.52
C ALA A 173 -11.28 -1.09 4.77
N VAL A 174 -12.56 -1.37 4.92
CA VAL A 174 -13.03 -2.72 5.12
C VAL A 174 -13.89 -2.97 3.89
N LEU A 175 -14.01 -4.22 3.47
CA LEU A 175 -14.80 -4.56 2.28
C LEU A 175 -15.99 -5.47 2.55
N GLN A 176 -17.18 -4.92 2.32
CA GLN A 176 -18.37 -5.70 2.55
C GLN A 176 -19.44 -5.34 1.53
N SER A 177 -19.98 -6.36 0.88
CA SER A 177 -21.00 -6.15 -0.14
C SER A 177 -20.38 -5.39 -1.29
N ASP A 178 -19.20 -5.86 -1.70
CA ASP A 178 -18.47 -5.26 -2.81
C ASP A 178 -18.30 -3.77 -2.69
N LEU A 179 -18.47 -3.25 -1.48
CA LEU A 179 -18.31 -1.82 -1.26
C LEU A 179 -17.35 -1.63 -0.12
N TYR A 180 -16.62 -0.52 -0.15
CA TYR A 180 -15.66 -0.21 0.89
C TYR A 180 -16.16 0.86 1.87
N THR A 181 -15.71 0.70 3.11
CA THR A 181 -16.04 1.63 4.17
C THR A 181 -14.77 1.89 4.97
N LEU A 182 -14.50 3.13 5.31
CA LEU A 182 -13.32 3.44 6.10
C LEU A 182 -13.64 4.59 7.03
N SER A 183 -12.70 4.87 7.92
CA SER A 183 -12.87 5.95 8.84
C SER A 183 -11.57 6.69 9.00
N SER A 184 -11.67 7.99 9.25
CA SER A 184 -10.51 8.84 9.52
C SER A 184 -10.75 9.67 10.82
N SER A 185 -9.67 10.04 11.50
CA SER A 185 -9.79 10.78 12.75
C SER A 185 -8.70 11.82 12.92
N VAL A 186 -9.03 12.83 13.72
CA VAL A 186 -8.09 13.89 14.02
C VAL A 186 -8.28 14.18 15.50
N THR A 187 -7.18 14.44 16.20
CA THR A 187 -7.24 14.77 17.63
C THR A 187 -6.80 16.21 17.71
N VAL A 188 -7.55 16.99 18.46
CA VAL A 188 -7.21 18.41 18.55
C VAL A 188 -7.43 18.92 19.97
N PRO A 189 -6.58 19.88 20.41
CA PRO A 189 -6.73 20.44 21.77
C PRO A 189 -8.19 20.76 22.03
N SER A 190 -8.68 20.37 23.20
CA SER A 190 -10.09 20.58 23.56
C SER A 190 -10.56 22.03 23.53
N SER A 191 -9.63 22.98 23.61
CA SER A 191 -10.01 24.38 23.59
C SER A 191 -10.77 24.68 22.30
N PRO A 192 -10.12 24.50 21.14
CA PRO A 192 -10.78 24.77 19.85
C PRO A 192 -11.85 23.77 19.46
N ARG A 193 -11.86 22.60 20.10
CA ARG A 193 -12.81 21.57 19.74
C ARG A 193 -14.10 22.02 19.07
N PRO A 194 -15.03 22.64 19.81
CA PRO A 194 -16.27 23.06 19.14
C PRO A 194 -16.24 24.55 18.82
N SER A 195 -15.46 25.32 19.59
CA SER A 195 -15.38 26.76 19.35
C SER A 195 -14.92 27.07 17.92
N GLU A 196 -13.95 26.33 17.41
CA GLU A 196 -13.46 26.54 16.05
C GLU A 196 -14.10 25.51 15.10
N THR A 197 -13.91 25.67 13.80
CA THR A 197 -14.51 24.72 12.87
C THR A 197 -13.57 23.59 12.50
N VAL A 198 -14.11 22.37 12.51
CA VAL A 198 -13.35 21.20 12.11
C VAL A 198 -14.14 20.46 11.04
N THR A 199 -13.53 20.30 9.86
CA THR A 199 -14.19 19.60 8.74
C THR A 199 -13.29 18.58 8.00
N CYS A 200 -13.85 17.43 7.65
CA CYS A 200 -13.07 16.47 6.87
C CYS A 200 -13.39 16.62 5.38
N ASN A 201 -12.34 16.52 4.57
CA ASN A 201 -12.44 16.67 3.14
C ASN A 201 -12.19 15.28 2.56
N VAL A 202 -13.22 14.73 1.93
CA VAL A 202 -13.19 13.38 1.36
C VAL A 202 -13.27 13.47 -0.18
N ALA A 203 -12.28 12.90 -0.87
CA ALA A 203 -12.27 12.88 -2.33
C ALA A 203 -12.34 11.43 -2.76
N HIS A 204 -13.17 11.15 -3.77
CA HIS A 204 -13.31 9.81 -4.33
C HIS A 204 -13.18 10.07 -5.81
N PRO A 205 -11.93 10.16 -6.31
CA PRO A 205 -11.60 10.41 -7.72
C PRO A 205 -12.47 9.66 -8.72
N ALA A 206 -12.72 8.38 -8.47
CA ALA A 206 -13.50 7.59 -9.42
C ALA A 206 -14.85 8.22 -9.81
N SER A 207 -15.39 9.06 -8.92
CA SER A 207 -16.68 9.72 -9.16
C SER A 207 -16.54 11.24 -9.23
N SER A 208 -15.32 11.75 -9.21
CA SER A 208 -15.12 13.19 -9.31
C SER A 208 -15.87 13.97 -8.21
N THR A 209 -16.27 13.24 -7.18
CA THR A 209 -16.97 13.78 -6.03
C THR A 209 -16.01 14.12 -4.88
N LYS A 210 -16.22 15.30 -4.31
CA LYS A 210 -15.42 15.81 -3.22
C LYS A 210 -16.41 16.42 -2.25
N VAL A 211 -16.28 16.05 -0.98
CA VAL A 211 -17.19 16.51 0.03
C VAL A 211 -16.50 16.96 1.32
N ASP A 212 -16.76 18.19 1.72
CA ASP A 212 -16.25 18.74 2.96
C ASP A 212 -17.40 18.65 3.95
N LYS A 213 -17.20 17.82 5.00
CA LYS A 213 -18.23 17.60 6.02
C LYS A 213 -17.88 18.25 7.37
N LYS A 214 -18.75 19.14 7.84
CA LYS A 214 -18.52 19.83 9.10
C LYS A 214 -18.76 18.89 10.28
N ILE A 215 -17.87 18.98 11.27
CA ILE A 215 -18.02 18.14 12.45
C ILE A 215 -18.79 18.99 13.47
N GLU A 216 -19.97 18.49 13.81
CA GLU A 216 -20.86 19.20 14.70
C GLU A 216 -21.28 18.42 15.94
N PRO A 217 -21.38 19.11 17.10
CA PRO A 217 -21.78 18.47 18.35
C PRO A 217 -23.13 17.74 18.21
N ALA A 218 -23.30 16.65 18.94
CA ALA A 218 -24.55 15.87 18.83
C ALA A 218 -25.54 16.22 19.95
N GLN B 1 12.99 -21.72 -17.60
CA GLN B 1 12.10 -20.74 -16.98
C GLN B 1 12.91 -20.04 -15.92
N LEU B 2 12.96 -18.72 -16.00
CA LEU B 2 13.69 -17.90 -15.03
C LEU B 2 12.75 -17.82 -13.86
N VAL B 3 13.13 -18.36 -12.70
CA VAL B 3 12.23 -18.35 -11.55
C VAL B 3 13.00 -18.05 -10.26
N LEU B 4 12.43 -17.19 -9.42
CA LEU B 4 13.04 -16.83 -8.14
C LEU B 4 12.13 -17.45 -7.07
N THR B 5 12.70 -18.22 -6.16
CA THR B 5 11.91 -18.82 -5.08
C THR B 5 12.24 -18.23 -3.70
N GLN B 6 11.22 -17.72 -3.03
CA GLN B 6 11.35 -17.15 -1.70
C GLN B 6 10.19 -17.72 -0.81
N SER B 7 10.48 -17.98 0.46
CA SER B 7 9.48 -18.41 1.45
C SER B 7 8.55 -17.19 1.64
N SER B 8 7.26 -17.43 1.86
CA SER B 8 6.28 -16.35 2.00
C SER B 8 6.37 -15.53 3.29
N SER B 9 6.91 -16.09 4.36
CA SER B 9 7.01 -15.30 5.59
C SER B 9 8.15 -15.77 6.43
N ALA B 10 8.54 -14.93 7.38
CA ALA B 10 9.64 -15.19 8.28
C ALA B 10 9.55 -14.29 9.50
N SER B 11 10.02 -14.81 10.62
CA SER B 11 9.95 -14.09 11.89
C SER B 11 11.32 -13.95 12.57
N PHE B 12 11.62 -12.82 13.19
CA PHE B 12 12.92 -12.69 13.88
C PHE B 12 12.74 -11.83 15.12
N SER B 13 13.59 -12.03 16.11
CA SER B 13 13.51 -11.23 17.33
C SER B 13 14.29 -9.93 17.16
N LEU B 14 13.73 -8.88 17.73
CA LEU B 14 14.33 -7.57 17.70
C LEU B 14 15.80 -7.66 18.10
N GLY B 15 16.69 -7.06 17.32
CA GLY B 15 18.11 -7.09 17.66
C GLY B 15 18.87 -8.27 17.10
N ALA B 16 18.18 -9.32 16.68
CA ALA B 16 18.88 -10.48 16.12
C ALA B 16 19.27 -10.23 14.66
N SER B 17 20.10 -11.12 14.17
CA SER B 17 20.54 -11.07 12.79
C SER B 17 19.58 -11.97 11.98
N ALA B 18 19.05 -11.46 10.88
CA ALA B 18 18.12 -12.23 10.03
C ALA B 18 18.78 -12.48 8.70
N LYS B 19 18.37 -13.56 8.05
CA LYS B 19 18.89 -13.86 6.74
C LYS B 19 17.70 -14.32 5.90
N LEU B 20 17.53 -13.70 4.73
CA LEU B 20 16.44 -14.05 3.82
C LEU B 20 17.11 -14.67 2.62
N THR B 21 16.45 -15.69 2.08
CA THR B 21 16.96 -16.42 0.93
C THR B 21 16.10 -16.29 -0.30
N CYS B 22 16.76 -16.09 -1.44
CA CYS B 22 16.09 -16.01 -2.72
C CYS B 22 16.90 -17.04 -3.49
N THR B 23 16.24 -17.99 -4.12
CA THR B 23 16.96 -19.05 -4.86
C THR B 23 16.67 -18.99 -6.34
N LEU B 24 17.71 -18.89 -7.13
CA LEU B 24 17.57 -18.88 -8.57
C LEU B 24 17.30 -20.30 -9.12
N SER B 25 16.57 -20.40 -10.23
CA SER B 25 16.40 -21.69 -10.87
C SER B 25 17.85 -22.09 -11.26
N SER B 26 18.14 -23.38 -11.21
CA SER B 26 19.47 -23.94 -11.48
C SER B 26 20.27 -23.44 -12.68
N GLN B 27 19.62 -23.30 -13.83
CA GLN B 27 20.27 -22.87 -15.05
C GLN B 27 20.69 -21.41 -14.99
N HIS B 28 20.22 -20.69 -13.98
CA HIS B 28 20.49 -19.26 -13.87
C HIS B 28 21.24 -18.95 -12.61
N SER B 29 21.88 -19.98 -12.05
CA SER B 29 22.62 -19.84 -10.81
C SER B 29 23.74 -18.78 -10.80
N THR B 30 24.15 -18.31 -11.97
CA THR B 30 25.24 -17.32 -12.03
C THR B 30 24.68 -15.89 -12.09
N TYR B 31 23.35 -15.75 -12.08
CA TYR B 31 22.76 -14.40 -12.23
C TYR B 31 22.87 -13.40 -11.10
N THR B 32 23.01 -12.14 -11.50
CA THR B 32 23.02 -11.06 -10.54
C THR B 32 21.53 -10.73 -10.34
N ILE B 33 21.08 -10.51 -9.11
CA ILE B 33 19.67 -10.19 -8.85
C ILE B 33 19.60 -8.86 -8.08
N GLU B 34 18.38 -8.41 -7.83
CA GLU B 34 18.11 -7.21 -7.06
C GLU B 34 17.19 -7.58 -5.89
N TRP B 35 17.38 -6.83 -4.81
CA TRP B 35 16.53 -6.94 -3.63
C TRP B 35 15.72 -5.65 -3.49
N TYR B 36 14.44 -5.80 -3.12
CA TYR B 36 13.56 -4.67 -2.89
C TYR B 36 12.92 -4.84 -1.55
N GLN B 37 12.43 -3.75 -0.99
CA GLN B 37 11.80 -3.76 0.33
C GLN B 37 10.45 -3.05 0.20
N GLN B 38 9.40 -3.58 0.82
CA GLN B 38 8.12 -2.85 0.80
C GLN B 38 7.45 -2.84 2.17
N GLN B 39 7.52 -1.69 2.80
CA GLN B 39 6.91 -1.50 4.11
C GLN B 39 5.41 -1.43 3.91
N PRO B 40 4.65 -1.75 4.95
CA PRO B 40 3.18 -1.75 4.94
C PRO B 40 2.55 -0.57 4.22
N LEU B 41 1.55 -0.86 3.40
CA LEU B 41 0.85 0.16 2.65
C LEU B 41 1.74 1.23 2.00
N LYS B 42 2.94 0.86 1.57
CA LYS B 42 3.83 1.84 0.95
C LYS B 42 4.48 1.35 -0.38
N PRO B 43 5.04 2.25 -1.19
CA PRO B 43 5.67 1.80 -2.44
C PRO B 43 6.93 0.90 -2.20
N PRO B 44 7.20 -0.03 -3.12
CA PRO B 44 8.38 -0.88 -2.95
C PRO B 44 9.58 0.11 -3.14
N LYS B 45 10.75 -0.22 -2.57
CA LYS B 45 11.95 0.58 -2.78
C LYS B 45 13.13 -0.36 -3.02
N TYR B 46 14.13 0.17 -3.72
CA TYR B 46 15.32 -0.55 -4.07
C TYR B 46 16.24 -0.70 -2.86
N VAL B 47 16.80 -1.90 -2.66
CA VAL B 47 17.69 -2.17 -1.54
C VAL B 47 19.10 -2.37 -2.09
N MET B 48 19.26 -3.33 -3.01
CA MET B 48 20.59 -3.63 -3.54
C MET B 48 20.67 -4.56 -4.75
N ASP B 49 21.83 -4.59 -5.40
CA ASP B 49 22.14 -5.51 -6.50
C ASP B 49 23.02 -6.56 -5.83
N LEU B 50 22.94 -7.83 -6.28
CA LEU B 50 23.74 -8.87 -5.64
C LEU B 50 24.24 -9.85 -6.67
N LYS B 51 25.56 -9.95 -6.82
CA LYS B 51 26.15 -10.84 -7.82
C LYS B 51 26.45 -12.23 -7.27
N GLN B 52 26.71 -13.13 -8.21
CA GLN B 52 27.00 -14.53 -7.87
C GLN B 52 28.17 -14.66 -6.91
N ASP B 53 29.14 -13.71 -6.94
CA ASP B 53 30.24 -13.84 -6.03
C ASP B 53 29.95 -13.24 -4.66
N GLY B 54 28.75 -12.67 -4.47
CA GLY B 54 28.43 -12.12 -3.16
C GLY B 54 28.72 -10.62 -3.06
N SER B 55 29.29 -10.02 -4.10
CA SER B 55 29.54 -8.59 -4.05
C SER B 55 28.18 -7.92 -4.30
N HIS B 56 27.97 -6.79 -3.68
CA HIS B 56 26.69 -6.14 -3.80
C HIS B 56 26.85 -4.65 -3.70
N SER B 57 25.83 -3.93 -4.21
CA SER B 57 25.77 -2.46 -4.20
C SER B 57 24.40 -2.06 -3.66
N THR B 58 24.45 -1.28 -2.60
CA THR B 58 23.29 -0.79 -1.91
C THR B 58 22.76 0.54 -2.43
N GLY B 59 21.43 0.68 -2.38
CA GLY B 59 20.77 1.88 -2.85
C GLY B 59 21.01 3.04 -1.90
N ASP B 60 20.81 4.25 -2.40
CA ASP B 60 20.99 5.48 -1.61
C ASP B 60 20.15 5.43 -0.36
N GLY B 61 20.75 5.76 0.77
CA GLY B 61 19.98 5.75 2.01
C GLY B 61 19.60 4.43 2.67
N ILE B 62 20.04 3.29 2.13
CA ILE B 62 19.75 2.02 2.79
C ILE B 62 20.73 1.87 4.00
N PRO B 63 20.24 1.51 5.20
CA PRO B 63 21.07 1.32 6.40
C PRO B 63 22.15 0.26 6.15
N ASP B 64 23.33 0.42 6.74
CA ASP B 64 24.38 -0.56 6.49
C ASP B 64 24.10 -1.89 7.20
N ARG B 65 23.00 -1.93 7.96
CA ARG B 65 22.61 -3.18 8.63
C ARG B 65 22.20 -4.22 7.55
N PHE B 66 21.92 -3.75 6.34
CA PHE B 66 21.52 -4.58 5.21
C PHE B 66 22.74 -4.95 4.39
N SER B 67 23.01 -6.24 4.19
CA SER B 67 24.15 -6.66 3.35
C SER B 67 23.72 -7.89 2.54
N GLY B 68 24.46 -8.21 1.48
CA GLY B 68 24.08 -9.37 0.64
C GLY B 68 25.22 -10.38 0.56
N SER B 69 24.91 -11.63 0.20
CA SER B 69 25.92 -12.67 0.05
C SER B 69 25.28 -13.75 -0.82
N SER B 70 26.10 -14.67 -1.34
CA SER B 70 25.60 -15.68 -2.24
C SER B 70 26.28 -17.02 -2.03
N SER B 71 25.64 -18.07 -2.53
CA SER B 71 26.20 -19.40 -2.41
C SER B 71 25.55 -20.16 -3.51
N GLY B 72 26.29 -20.43 -4.59
CA GLY B 72 25.69 -21.15 -5.70
C GLY B 72 24.47 -20.39 -6.21
N ALA B 73 23.31 -21.06 -6.22
CA ALA B 73 22.03 -20.48 -6.69
C ALA B 73 21.30 -19.59 -5.68
N ASP B 74 21.68 -19.66 -4.40
CA ASP B 74 21.07 -18.85 -3.36
C ASP B 74 21.68 -17.41 -3.35
N ARG B 75 20.79 -16.46 -3.08
CA ARG B 75 21.06 -15.03 -2.98
C ARG B 75 20.46 -14.67 -1.64
N TYR B 76 21.30 -14.15 -0.74
CA TYR B 76 20.85 -13.81 0.61
C TYR B 76 20.83 -12.35 0.95
N LEU B 77 19.80 -11.94 1.68
CA LEU B 77 19.78 -10.56 2.18
C LEU B 77 19.88 -10.76 3.67
N SER B 78 20.92 -10.20 4.28
CA SER B 78 21.08 -10.30 5.73
C SER B 78 20.82 -8.95 6.39
N ILE B 79 20.19 -8.98 7.56
CA ILE B 79 19.87 -7.75 8.30
C ILE B 79 20.40 -7.95 9.73
N SER B 80 21.43 -7.18 10.07
CA SER B 80 22.01 -7.28 11.39
C SER B 80 21.15 -6.37 12.28
N ASN B 81 21.12 -6.69 13.58
CA ASN B 81 20.41 -5.88 14.58
C ASN B 81 19.02 -5.51 14.10
N ILE B 82 18.24 -6.50 13.66
CA ILE B 82 16.94 -6.21 13.10
C ILE B 82 16.07 -5.32 14.02
N GLN B 83 15.60 -4.23 13.41
CA GLN B 83 14.78 -3.16 13.98
C GLN B 83 13.28 -3.22 13.62
N PRO B 84 12.44 -2.49 14.37
CA PRO B 84 11.01 -2.54 14.03
C PRO B 84 10.71 -2.02 12.63
N GLU B 85 11.43 -1.00 12.14
CA GLU B 85 11.13 -0.50 10.81
C GLU B 85 11.56 -1.43 9.68
N ASP B 86 12.29 -2.50 10.02
CA ASP B 86 12.71 -3.48 9.01
C ASP B 86 11.53 -4.44 8.71
N GLU B 87 10.46 -4.28 9.47
CA GLU B 87 9.28 -5.11 9.27
C GLU B 87 8.73 -4.71 7.90
N ALA B 88 8.66 -5.66 7.00
CA ALA B 88 8.24 -5.34 5.66
C ALA B 88 8.22 -6.61 4.80
N MET B 89 7.78 -6.45 3.58
CA MET B 89 7.87 -7.54 2.60
C MET B 89 9.22 -7.31 1.81
N TYR B 90 10.07 -8.32 1.68
CA TYR B 90 11.33 -8.22 0.90
C TYR B 90 11.18 -9.07 -0.37
N ILE B 91 11.46 -8.47 -1.52
CA ILE B 91 11.24 -9.17 -2.79
C ILE B 91 12.51 -9.17 -3.60
N CYS B 92 12.83 -10.31 -4.21
CA CYS B 92 13.99 -10.32 -5.09
C CYS B 92 13.51 -10.26 -6.53
N GLY B 93 14.39 -9.81 -7.40
CA GLY B 93 14.08 -9.65 -8.80
C GLY B 93 15.34 -9.99 -9.61
N VAL B 94 15.16 -10.28 -10.89
CA VAL B 94 16.27 -10.68 -11.75
C VAL B 94 15.88 -10.45 -13.20
N GLY B 95 16.82 -9.91 -13.97
CA GLY B 95 16.51 -9.64 -15.35
C GLY B 95 17.47 -10.35 -16.27
N ASP B 96 17.10 -10.47 -17.54
CA ASP B 96 18.02 -11.02 -18.50
C ASP B 96 17.55 -10.67 -19.90
N THR B 97 18.47 -10.58 -20.86
CA THR B 97 18.08 -10.28 -22.24
C THR B 97 18.39 -11.53 -23.03
N ILE B 98 17.40 -12.02 -23.75
CA ILE B 98 17.50 -13.22 -24.57
C ILE B 98 17.32 -12.68 -25.99
N LYS B 99 18.43 -12.62 -26.72
CA LYS B 99 18.48 -12.07 -28.07
C LYS B 99 18.24 -10.57 -27.93
N GLU B 100 17.17 -10.08 -28.51
CA GLU B 100 16.90 -8.65 -28.37
C GLU B 100 15.74 -8.47 -27.37
N GLN B 101 15.37 -9.54 -26.67
CA GLN B 101 14.27 -9.53 -25.70
C GLN B 101 14.69 -9.42 -24.20
N PHE B 102 13.96 -8.60 -23.45
CA PHE B 102 14.21 -8.43 -22.04
C PHE B 102 13.09 -9.15 -21.26
N VAL B 103 13.46 -9.84 -20.19
CA VAL B 103 12.43 -10.46 -19.33
C VAL B 103 12.88 -10.00 -17.93
N TYR B 104 11.91 -9.73 -17.04
CA TYR B 104 12.33 -9.37 -15.69
C TYR B 104 11.31 -10.05 -14.81
N VAL B 105 11.82 -10.79 -13.85
CA VAL B 105 11.02 -11.63 -12.95
C VAL B 105 11.21 -11.28 -11.49
N PHE B 106 10.12 -11.26 -10.73
CA PHE B 106 10.20 -11.03 -9.28
C PHE B 106 9.86 -12.33 -8.53
N GLY B 107 10.43 -12.51 -7.34
CA GLY B 107 10.11 -13.65 -6.52
C GLY B 107 8.75 -13.36 -5.85
N GLY B 108 8.22 -14.29 -5.05
CA GLY B 108 6.90 -14.05 -4.47
C GLY B 108 6.94 -13.12 -3.27
N GLY B 109 8.14 -12.80 -2.75
CA GLY B 109 8.23 -11.91 -1.61
C GLY B 109 8.13 -12.67 -0.31
N THR B 110 8.88 -12.22 0.70
CA THR B 110 8.90 -12.84 2.04
C THR B 110 8.40 -11.77 3.02
N LYS B 111 7.29 -12.04 3.73
CA LYS B 111 6.74 -11.08 4.70
C LYS B 111 7.55 -11.26 5.98
N VAL B 112 8.24 -10.21 6.41
CA VAL B 112 9.05 -10.30 7.63
C VAL B 112 8.43 -9.62 8.84
N THR B 113 8.31 -10.37 9.93
CA THR B 113 7.74 -9.85 11.18
C THR B 113 8.83 -9.72 12.24
N VAL B 114 8.84 -8.62 12.97
CA VAL B 114 9.83 -8.43 14.02
C VAL B 114 9.20 -8.68 15.41
N LEU B 115 9.53 -9.82 16.01
CA LEU B 115 9.01 -10.17 17.34
C LEU B 115 9.73 -9.51 18.50
N GLY B 116 9.16 -9.66 19.68
CA GLY B 116 9.76 -9.11 20.88
C GLY B 116 9.81 -7.61 21.01
N GLU B 117 8.89 -6.90 20.40
CA GLU B 117 8.87 -5.45 20.56
C GLU B 117 8.09 -5.18 21.84
N PRO B 118 8.29 -4.00 22.45
CA PRO B 118 7.60 -3.63 23.69
C PRO B 118 6.08 -3.72 23.54
N LYS B 119 5.43 -4.41 24.47
CA LYS B 119 3.98 -4.52 24.38
C LYS B 119 3.35 -3.16 24.69
N SER B 120 2.21 -2.89 24.06
CA SER B 120 1.49 -1.64 24.29
C SER B 120 0.02 -1.99 24.16
N THR B 121 -0.74 -1.91 25.26
CA THR B 121 -2.15 -2.26 25.21
C THR B 121 -2.92 -1.25 24.38
N PRO B 122 -3.95 -1.71 23.67
CA PRO B 122 -4.74 -0.81 22.83
C PRO B 122 -5.67 0.20 23.50
N THR B 123 -5.80 1.35 22.84
CA THR B 123 -6.71 2.43 23.25
C THR B 123 -7.96 2.28 22.38
N LEU B 124 -9.13 2.53 22.95
CA LEU B 124 -10.38 2.43 22.18
C LEU B 124 -11.12 3.76 22.17
N THR B 125 -11.48 4.26 20.97
CA THR B 125 -12.28 5.50 20.82
C THR B 125 -13.50 5.06 20.09
N VAL B 126 -14.64 5.30 20.72
CA VAL B 126 -15.91 4.91 20.17
C VAL B 126 -16.74 6.15 19.82
N PHE B 127 -17.48 6.01 18.73
CA PHE B 127 -18.38 7.04 18.20
C PHE B 127 -19.73 6.39 17.96
N PRO B 128 -20.81 7.11 18.27
CA PRO B 128 -22.18 6.59 18.06
C PRO B 128 -22.58 7.03 16.65
N PRO B 129 -23.75 6.62 16.19
CA PRO B 129 -24.20 7.01 14.84
C PRO B 129 -24.32 8.54 14.71
N SER B 130 -24.09 9.06 13.50
CA SER B 130 -24.23 10.48 13.23
C SER B 130 -25.74 10.68 13.13
N SER B 131 -26.19 11.89 13.44
CA SER B 131 -27.62 12.14 13.34
C SER B 131 -28.05 11.98 11.88
N GLU B 132 -27.21 12.39 10.92
CA GLU B 132 -27.56 12.26 9.50
C GLU B 132 -27.79 10.81 9.09
N GLU B 133 -26.90 9.91 9.47
CA GLU B 133 -27.06 8.52 9.09
C GLU B 133 -28.32 7.92 9.71
N LEU B 134 -28.64 8.28 10.95
CA LEU B 134 -29.85 7.76 11.59
C LEU B 134 -31.07 8.19 10.77
N LYS B 135 -31.03 9.44 10.30
CA LYS B 135 -32.11 9.99 9.49
C LYS B 135 -32.35 9.12 8.27
N GLU B 136 -31.54 8.07 8.12
CA GLU B 136 -31.65 7.16 6.98
C GLU B 136 -31.98 5.72 7.34
N ASN B 137 -32.36 5.48 8.59
CA ASN B 137 -32.73 4.13 9.05
C ASN B 137 -31.54 3.24 9.36
N LYS B 138 -30.35 3.83 9.35
CA LYS B 138 -29.15 3.05 9.64
C LYS B 138 -28.28 3.67 10.71
N ALA B 139 -27.41 2.84 11.28
CA ALA B 139 -26.51 3.26 12.34
C ALA B 139 -25.28 2.37 12.32
N THR B 140 -24.11 3.00 12.20
CA THR B 140 -22.86 2.28 12.16
C THR B 140 -22.08 2.82 13.36
N LEU B 141 -21.68 1.91 14.25
CA LEU B 141 -20.87 2.29 15.41
C LEU B 141 -19.42 2.09 14.98
N VAL B 142 -18.58 3.06 15.28
CA VAL B 142 -17.19 3.00 14.88
C VAL B 142 -16.29 2.86 16.12
N CYS B 143 -15.36 1.90 16.08
CA CYS B 143 -14.42 1.67 17.17
C CYS B 143 -13.03 1.71 16.55
N LEU B 144 -12.28 2.75 16.91
CA LEU B 144 -10.92 2.94 16.46
C LEU B 144 -10.00 2.33 17.56
N ILE B 145 -9.23 1.30 17.20
CA ILE B 145 -8.31 0.62 18.12
C ILE B 145 -6.94 1.13 17.75
N SER B 146 -6.28 1.81 18.67
CA SER B 146 -4.98 2.36 18.34
C SER B 146 -3.94 2.16 19.43
N ASN B 147 -2.70 2.51 19.07
CA ASN B 147 -1.58 2.43 20.00
C ASN B 147 -1.22 1.04 20.54
N PHE B 148 -1.48 -0.01 19.75
CA PHE B 148 -1.13 -1.35 20.24
C PHE B 148 0.03 -2.07 19.52
N SER B 149 0.70 -2.95 20.26
CA SER B 149 1.80 -3.73 19.74
C SER B 149 1.97 -4.94 20.64
N PRO B 150 2.04 -6.16 20.07
CA PRO B 150 1.98 -6.58 18.66
C PRO B 150 0.63 -6.32 18.00
N SER B 151 0.54 -6.68 16.72
CA SER B 151 -0.66 -6.43 15.91
C SER B 151 -1.85 -7.37 16.09
N GLY B 152 -1.65 -8.55 16.66
CA GLY B 152 -2.79 -9.44 16.80
C GLY B 152 -3.80 -9.00 17.85
N VAL B 153 -5.07 -8.86 17.45
CA VAL B 153 -6.14 -8.48 18.37
C VAL B 153 -7.37 -9.15 17.84
N THR B 154 -8.31 -9.43 18.71
CA THR B 154 -9.56 -10.04 18.32
C THR B 154 -10.64 -9.07 18.78
N VAL B 155 -11.47 -8.59 17.86
CA VAL B 155 -12.51 -7.64 18.23
C VAL B 155 -13.86 -8.32 18.26
N ALA B 156 -14.65 -7.94 19.25
CA ALA B 156 -16.01 -8.47 19.39
C ALA B 156 -16.88 -7.29 19.80
N TRP B 157 -18.19 -7.42 19.66
CA TRP B 157 -19.10 -6.36 20.07
C TRP B 157 -20.19 -6.94 20.96
N LYS B 158 -20.71 -6.11 21.84
CA LYS B 158 -21.79 -6.56 22.71
C LYS B 158 -22.95 -5.56 22.69
N ALA B 159 -24.15 -6.11 22.76
CA ALA B 159 -25.39 -5.34 22.80
C ALA B 159 -25.98 -5.70 24.16
N ASN B 160 -26.06 -4.72 25.05
CA ASN B 160 -26.61 -4.98 26.39
C ASN B 160 -25.85 -6.17 26.96
N GLY B 161 -24.53 -6.06 26.96
CA GLY B 161 -23.69 -7.13 27.50
C GLY B 161 -23.61 -8.45 26.76
N THR B 162 -24.47 -8.66 25.77
CA THR B 162 -24.46 -9.93 25.01
C THR B 162 -23.66 -9.81 23.71
N PRO B 163 -22.85 -10.84 23.40
CA PRO B 163 -22.01 -10.87 22.19
C PRO B 163 -22.80 -10.83 20.87
N ILE B 164 -22.36 -9.97 19.95
CA ILE B 164 -23.01 -9.85 18.65
C ILE B 164 -22.11 -10.45 17.59
N THR B 165 -22.71 -10.90 16.49
CA THR B 165 -21.96 -11.50 15.41
C THR B 165 -22.32 -10.89 14.06
N GLN B 166 -23.43 -11.35 13.50
CA GLN B 166 -23.90 -10.83 12.22
C GLN B 166 -23.86 -9.29 12.25
N GLY B 167 -23.16 -8.71 11.28
CA GLY B 167 -23.09 -7.26 11.21
C GLY B 167 -21.80 -6.60 11.61
N VAL B 168 -20.73 -7.37 11.85
CA VAL B 168 -19.49 -6.72 12.24
C VAL B 168 -18.39 -6.77 11.18
N ASP B 169 -17.65 -5.67 11.06
CA ASP B 169 -16.57 -5.59 10.09
C ASP B 169 -15.41 -4.92 10.77
N THR B 170 -14.31 -5.65 10.87
CA THR B 170 -13.09 -5.16 11.52
C THR B 170 -11.99 -5.21 10.48
N SER B 171 -11.17 -4.18 10.43
CA SER B 171 -10.08 -4.15 9.48
C SER B 171 -8.93 -5.00 10.00
N ASN B 172 -7.90 -5.15 9.17
CA ASN B 172 -6.73 -5.89 9.59
C ASN B 172 -5.94 -4.80 10.30
N PRO B 173 -4.99 -5.20 11.16
CA PRO B 173 -4.20 -4.17 11.86
C PRO B 173 -3.28 -3.47 10.88
N THR B 174 -2.85 -2.26 11.20
CA THR B 174 -1.98 -1.53 10.30
C THR B 174 -0.91 -0.73 11.00
N LYS B 175 0.30 -0.80 10.45
CA LYS B 175 1.45 -0.11 11.02
C LYS B 175 1.25 1.39 11.12
N GLU B 176 1.71 1.96 12.21
CA GLU B 176 1.62 3.40 12.44
C GLU B 176 2.67 3.63 13.49
N GLY B 177 3.73 4.34 13.13
CA GLY B 177 4.81 4.53 14.07
C GLY B 177 5.29 3.11 14.40
N ASN B 178 5.59 2.86 15.66
CA ASN B 178 6.01 1.52 16.04
C ASN B 178 4.81 0.69 16.42
N LYS B 179 3.68 1.39 16.57
CA LYS B 179 2.43 0.78 16.97
C LYS B 179 1.57 0.28 15.82
N PHE B 180 0.36 -0.16 16.17
CA PHE B 180 -0.60 -0.66 15.20
C PHE B 180 -1.96 -0.03 15.49
N MET B 181 -2.87 -0.13 14.53
CA MET B 181 -4.20 0.43 14.69
C MET B 181 -5.10 -0.30 13.75
N ALA B 182 -6.38 -0.31 14.06
CA ALA B 182 -7.35 -0.95 13.24
C ALA B 182 -8.69 -0.32 13.58
N SER B 183 -9.74 -0.76 12.89
CA SER B 183 -11.06 -0.22 13.11
C SER B 183 -12.04 -1.33 13.00
N SER B 184 -13.18 -1.11 13.62
CA SER B 184 -14.25 -2.08 13.61
C SER B 184 -15.58 -1.32 13.50
N PHE B 185 -16.49 -1.87 12.72
CA PHE B 185 -17.75 -1.21 12.53
C PHE B 185 -18.85 -2.19 12.87
N LEU B 186 -19.86 -1.73 13.63
CA LEU B 186 -21.03 -2.55 13.92
C LEU B 186 -22.17 -1.85 13.17
N HIS B 187 -22.76 -2.60 12.26
CA HIS B 187 -23.83 -2.11 11.39
C HIS B 187 -25.20 -2.37 12.00
N LEU B 188 -25.93 -1.31 12.33
CA LEU B 188 -27.25 -1.46 12.95
C LEU B 188 -28.35 -0.67 12.24
N THR B 189 -29.60 -1.15 12.38
CA THR B 189 -30.74 -0.43 11.83
C THR B 189 -30.79 0.70 12.85
N SER B 190 -31.31 1.87 12.47
CA SER B 190 -31.36 2.97 13.42
C SER B 190 -32.13 2.57 14.68
N ASP B 191 -33.09 1.66 14.50
CA ASP B 191 -33.94 1.18 15.60
C ASP B 191 -33.17 0.55 16.76
N GLN B 192 -32.42 -0.50 16.43
CA GLN B 192 -31.64 -1.20 17.42
C GLN B 192 -30.84 -0.18 18.20
N TRP B 193 -30.12 0.68 17.48
CA TRP B 193 -29.36 1.71 18.15
C TRP B 193 -30.02 2.34 19.39
N ARG B 194 -31.12 3.06 19.18
CA ARG B 194 -31.78 3.74 20.28
C ARG B 194 -32.66 2.85 21.17
N SER B 195 -32.69 1.55 20.89
CA SER B 195 -33.52 0.60 21.65
C SER B 195 -32.71 -0.42 22.49
N HIS B 196 -31.44 -0.13 22.71
CA HIS B 196 -30.59 -1.01 23.50
C HIS B 196 -29.98 -0.14 24.61
N ASN B 197 -29.72 -0.75 25.76
CA ASN B 197 -29.14 0.02 26.85
C ASN B 197 -27.71 0.41 26.52
N SER B 198 -26.98 -0.52 25.91
CA SER B 198 -25.61 -0.21 25.56
C SER B 198 -25.04 -1.07 24.45
N PHE B 199 -23.89 -0.62 23.97
CA PHE B 199 -23.16 -1.34 22.96
C PHE B 199 -21.73 -1.33 23.44
N THR B 200 -21.02 -2.41 23.20
CA THR B 200 -19.67 -2.45 23.67
C THR B 200 -18.71 -2.98 22.64
N CYS B 201 -17.61 -2.27 22.48
CA CYS B 201 -16.56 -2.68 21.59
C CYS B 201 -15.52 -3.37 22.47
N GLN B 202 -15.24 -4.65 22.17
CA GLN B 202 -14.30 -5.42 22.95
C GLN B 202 -13.07 -5.88 22.17
N VAL B 203 -11.91 -5.54 22.71
CA VAL B 203 -10.68 -5.94 22.08
C VAL B 203 -9.81 -6.81 22.99
N THR B 204 -9.44 -7.97 22.49
CA THR B 204 -8.56 -8.87 23.23
C THR B 204 -7.19 -8.72 22.61
N HIS B 205 -6.20 -8.45 23.46
CA HIS B 205 -4.82 -8.26 23.04
C HIS B 205 -3.87 -8.86 24.09
N GLU B 206 -3.11 -9.87 23.67
CA GLU B 206 -2.09 -10.53 24.50
C GLU B 206 -2.57 -10.92 25.89
N GLY B 207 -3.74 -11.56 25.99
CA GLY B 207 -4.28 -11.96 27.28
C GLY B 207 -5.16 -10.91 27.96
N ASP B 208 -4.94 -9.64 27.64
CA ASP B 208 -5.74 -8.56 28.23
C ASP B 208 -6.97 -8.25 27.38
N THR B 209 -7.96 -7.61 27.99
CA THR B 209 -9.17 -7.25 27.29
C THR B 209 -9.50 -5.83 27.64
N VAL B 210 -9.79 -5.04 26.61
CA VAL B 210 -10.14 -3.65 26.80
C VAL B 210 -11.54 -3.48 26.25
N GLU B 211 -12.31 -2.64 26.90
CA GLU B 211 -13.69 -2.39 26.50
C GLU B 211 -14.03 -0.94 26.76
N LYS B 212 -14.87 -0.40 25.90
CA LYS B 212 -15.34 0.97 26.02
C LYS B 212 -16.73 0.87 25.43
N SER B 213 -17.74 1.35 26.15
CA SER B 213 -19.11 1.25 25.67
C SER B 213 -19.73 2.58 25.29
N LEU B 214 -20.80 2.46 24.51
CA LEU B 214 -21.61 3.58 24.02
C LEU B 214 -23.00 3.37 24.59
N SER B 215 -23.64 4.47 24.94
CA SER B 215 -25.01 4.45 25.45
C SER B 215 -25.93 5.39 24.67
N PRO B 216 -26.98 4.82 24.04
CA PRO B 216 -27.94 5.61 23.27
C PRO B 216 -28.65 6.50 24.28
N ALA B 217 -28.30 7.80 24.29
CA ALA B 217 -28.87 8.80 25.20
C ALA B 217 -27.78 9.81 25.59
N SER C 14 28.97 -14.83 -14.70
CA SER C 14 29.46 -13.49 -15.05
C SER C 14 28.95 -13.06 -16.43
N ILE C 15 28.57 -14.03 -17.28
CA ILE C 15 28.05 -13.73 -18.61
C ILE C 15 26.76 -12.90 -18.51
N GLN C 16 25.80 -13.37 -17.71
CA GLN C 16 24.55 -12.64 -17.53
C GLN C 16 24.84 -11.30 -16.89
N ASP C 17 25.81 -11.24 -15.99
CA ASP C 17 26.11 -9.97 -15.35
C ASP C 17 26.59 -8.92 -16.39
N LEU C 18 27.27 -9.40 -17.42
CA LEU C 18 27.76 -8.55 -18.51
C LEU C 18 26.59 -8.20 -19.44
N ARG C 19 25.68 -9.14 -19.71
CA ARG C 19 24.52 -8.78 -20.56
C ARG C 19 23.73 -7.68 -19.81
N ARG C 20 23.69 -7.80 -18.46
CA ARG C 20 22.99 -6.85 -17.59
C ARG C 20 23.61 -5.44 -17.70
N ARG C 21 24.93 -5.37 -17.53
CA ARG C 21 25.59 -4.07 -17.64
C ARG C 21 25.34 -3.49 -19.02
N PHE C 22 25.57 -4.25 -20.08
CA PHE C 22 25.32 -3.72 -21.41
C PHE C 22 23.90 -3.22 -21.64
N PHE C 23 22.91 -4.00 -21.18
CA PHE C 23 21.52 -3.58 -21.39
C PHE C 23 21.21 -2.28 -20.63
N LEU C 24 21.69 -2.15 -19.40
CA LEU C 24 21.44 -0.92 -18.63
C LEU C 24 22.09 0.27 -19.36
N HIS C 25 23.28 0.06 -19.94
CA HIS C 25 23.95 1.15 -20.67
C HIS C 25 23.14 1.49 -21.94
N HIS C 26 22.65 0.45 -22.61
CA HIS C 26 21.88 0.64 -23.83
C HIS C 26 20.62 1.49 -23.57
N LEU C 27 19.96 1.29 -22.43
CA LEU C 27 18.75 2.05 -22.10
C LEU C 27 19.06 3.54 -21.94
N ILE C 28 20.28 3.79 -21.47
CA ILE C 28 20.73 5.15 -21.26
C ILE C 28 21.16 5.77 -22.60
N ALA C 29 22.13 5.15 -23.25
CA ALA C 29 22.71 5.62 -24.50
C ALA C 29 22.04 5.22 -25.81
N GLU C 30 21.15 4.23 -25.77
CA GLU C 30 20.48 3.74 -26.97
C GLU C 30 21.51 3.32 -28.00
N ILE C 31 22.27 2.28 -27.65
CA ILE C 31 23.31 1.81 -28.55
C ILE C 31 22.67 1.18 -29.80
#